data_2PXY
#
_entry.id   2PXY
#
_cell.length_a   97.603
_cell.length_b   97.603
_cell.length_c   175.561
_cell.angle_alpha   90.00
_cell.angle_beta   90.00
_cell.angle_gamma   90.00
#
_symmetry.space_group_name_H-M   'P 41 2 2'
#
loop_
_entity.id
_entity.type
_entity.pdbx_description
1 polymer 'T cell receptor alpha chain'
2 polymer 'T cell receptor beta chain'
3 polymer 'H-2 class II histocompatibility antigen, A-U alpha chain'
4 polymer 'H-2 class II histocompatibility antigen, A-U beta chain'
5 polymer 'Myelin basic protein (MBP)-peptide'
6 water water
#
loop_
_entity_poly.entity_id
_entity_poly.type
_entity_poly.pdbx_seq_one_letter_code
_entity_poly.pdbx_strand_id
1 'polypeptide(L)'
;SADSVTQTGGQVALSEEDFLTIHCNYSASGYPALFWYVQYPGEGPQFLFRASRDKEKGSSRGFEATYNKEATSFHLQKAS
VQESDSAVYYCALSENYGNEKITFGAGTKLQVVP
;
A
2 'polypeptide(L)'
;AVTQSPRNKVAVTGEKVTLSCNQTNNHNNMYWYRQDTGHGLRLIYYSYGAGSTEKGDIPDGYKASRPSQENFSLTLESAT
PSQTSVYFCASGDASGAETLYFGPGTRLTVL
;
B
3 'polypeptide(L)'
;DDIEADHVGSYGIVVYQSPGDIGQYTFEFDGDELFYVDLDKKETIWMLPEFAQLRSFDPQGGLQNIATGKHNLGVLTKRS
NSTPATNEAPQATVFPKSPVLLGQPNTLICFVDNIFPPVINITWLRNSKSVADGVYETSFFVNRDYSFHKLSYLTFIPSD
DDIYDCKVEHWGLEEPVLKHWEP
;
C
4 'polypeptide(L)'
;DSERHFVVQFQPFCYFTNGTQRIRYVTRYIYNREEYLRFDSDVGEYRAVTELGRPDAEYYNKQYLERTRAELDTVCRYNY
EETEVPTSLRRLEQPNVVISLSRTEALNHHNTLVCSVTDFYPAKIKVRWFRNGQEETVGVSSTQLIRNGDWTFQVLVMLE
MTPRRGEVYTCHVEHPSLKSPITVEWRAQ
;
D
5 'polypeptide(L)' HSRGGASQYRPSQ P
#
# COMPACT_ATOMS: atom_id res chain seq x y z
N SER A 1 8.78 15.54 14.68
CA SER A 1 7.81 16.61 14.33
C SER A 1 7.04 16.30 13.04
N ALA A 2 5.90 16.97 12.88
CA ALA A 2 5.09 16.79 11.68
C ALA A 2 5.73 17.55 10.54
N ASP A 3 5.47 17.10 9.32
CA ASP A 3 6.03 17.76 8.14
C ASP A 3 5.71 19.24 8.17
N SER A 4 6.67 20.06 7.75
CA SER A 4 6.43 21.49 7.70
C SER A 4 7.20 22.12 6.55
N VAL A 5 6.79 23.32 6.20
CA VAL A 5 7.42 24.07 5.12
C VAL A 5 7.80 25.42 5.70
N THR A 6 9.02 25.84 5.42
CA THR A 6 9.51 27.12 5.91
C THR A 6 9.89 28.04 4.74
N GLN A 7 9.23 29.20 4.67
CA GLN A 7 9.52 30.15 3.60
C GLN A 7 9.79 31.56 4.11
N THR A 8 10.55 32.33 3.34
CA THR A 8 10.94 33.70 3.72
C THR A 8 9.92 34.44 4.56
N GLY A 9 10.44 35.08 5.62
CA GLY A 9 9.65 35.84 6.57
C GLY A 9 8.22 36.23 6.24
N GLY A 10 8.00 37.54 6.09
CA GLY A 10 6.66 38.01 5.82
C GLY A 10 6.44 38.77 4.53
N GLN A 11 6.97 39.99 4.43
CA GLN A 11 6.79 40.79 3.23
C GLN A 11 8.05 41.28 2.56
N VAL A 12 8.05 41.20 1.23
CA VAL A 12 9.18 41.62 0.41
C VAL A 12 8.69 42.59 -0.65
N ALA A 13 9.46 43.65 -0.89
CA ALA A 13 9.10 44.64 -1.89
C ALA A 13 10.13 44.72 -3.00
N LEU A 14 9.66 44.62 -4.25
CA LEU A 14 10.51 44.69 -5.43
C LEU A 14 9.99 45.72 -6.41
N SER A 15 10.83 46.11 -7.36
CA SER A 15 10.43 47.05 -8.40
C SER A 15 10.11 46.18 -9.60
N GLU A 16 9.33 46.71 -10.54
CA GLU A 16 9.00 45.94 -11.73
C GLU A 16 10.28 45.68 -12.51
N GLU A 17 10.36 44.50 -13.13
CA GLU A 17 11.53 44.06 -13.89
C GLU A 17 12.72 43.58 -13.04
N ASP A 18 12.56 43.59 -11.72
CA ASP A 18 13.55 42.97 -10.83
C ASP A 18 13.39 41.44 -10.93
N PHE A 19 14.42 40.72 -10.50
CA PHE A 19 14.36 39.26 -10.51
C PHE A 19 13.74 38.81 -9.18
N LEU A 20 12.91 37.78 -9.21
CA LEU A 20 12.26 37.31 -8.00
C LEU A 20 12.74 35.97 -7.46
N THR A 21 12.95 35.93 -6.15
CA THR A 21 13.31 34.70 -5.48
C THR A 21 12.58 34.64 -4.14
N ILE A 22 11.88 33.53 -3.91
CA ILE A 22 11.19 33.32 -2.64
C ILE A 22 11.68 31.96 -2.17
N HIS A 23 12.33 31.96 -1.02
CA HIS A 23 12.87 30.73 -0.47
C HIS A 23 11.85 29.82 0.18
N CYS A 24 12.12 28.52 0.10
CA CYS A 24 11.28 27.52 0.71
C CYS A 24 12.13 26.30 1.01
N ASN A 25 12.17 25.93 2.27
CA ASN A 25 12.89 24.74 2.67
C ASN A 25 11.85 23.89 3.37
N TYR A 26 11.98 22.57 3.24
CA TYR A 26 11.01 21.70 3.88
C TYR A 26 11.63 20.72 4.84
N SER A 27 10.81 20.27 5.78
CA SER A 27 11.21 19.29 6.77
C SER A 27 10.14 18.22 6.63
N ALA A 28 10.49 17.12 5.98
CA ALA A 28 9.55 16.02 5.75
C ALA A 28 10.15 14.68 6.13
N SER A 29 9.30 13.78 6.61
CA SER A 29 9.75 12.45 7.01
C SER A 29 9.76 11.42 5.89
N GLY A 30 9.08 11.69 4.78
CA GLY A 30 9.06 10.75 3.68
C GLY A 30 9.79 11.31 2.46
N TYR A 31 9.18 11.18 1.29
CA TYR A 31 9.75 11.71 0.05
C TYR A 31 8.56 12.40 -0.60
N PRO A 32 8.28 13.64 -0.17
CA PRO A 32 7.18 14.47 -0.64
C PRO A 32 7.31 15.10 -2.00
N ALA A 33 6.15 15.45 -2.56
CA ALA A 33 6.06 16.17 -3.82
C ALA A 33 6.00 17.61 -3.35
N LEU A 34 6.55 18.55 -4.12
CA LEU A 34 6.57 19.94 -3.71
C LEU A 34 5.74 20.82 -4.64
N PHE A 35 5.19 21.91 -4.09
CA PHE A 35 4.36 22.83 -4.88
C PHE A 35 4.49 24.30 -4.51
N TRP A 36 3.99 25.14 -5.41
CA TRP A 36 3.92 26.57 -5.19
C TRP A 36 2.53 26.99 -5.63
N TYR A 37 1.91 27.83 -4.81
CA TYR A 37 0.58 28.35 -5.08
C TYR A 37 0.68 29.87 -4.99
N VAL A 38 -0.21 30.57 -5.69
CA VAL A 38 -0.24 32.03 -5.67
C VAL A 38 -1.63 32.45 -5.26
N GLN A 39 -1.71 33.41 -4.34
CA GLN A 39 -3.00 33.90 -3.90
C GLN A 39 -3.09 35.38 -4.20
N TYR A 40 -3.88 35.72 -5.22
CA TYR A 40 -4.08 37.11 -5.59
C TYR A 40 -5.16 37.67 -4.66
N PRO A 41 -5.19 39.00 -4.49
CA PRO A 41 -6.15 39.72 -3.65
C PRO A 41 -7.60 39.31 -3.85
N GLY A 42 -8.28 38.98 -2.75
CA GLY A 42 -9.68 38.59 -2.82
C GLY A 42 -9.96 37.22 -3.40
N GLU A 43 -8.92 36.40 -3.54
CA GLU A 43 -9.09 35.06 -4.09
C GLU A 43 -8.45 34.00 -3.21
N GLY A 44 -8.71 32.75 -3.56
CA GLY A 44 -8.11 31.65 -2.82
C GLY A 44 -6.83 31.27 -3.55
N PRO A 45 -5.93 30.52 -2.90
CA PRO A 45 -4.69 30.12 -3.56
C PRO A 45 -4.97 29.33 -4.83
N GLN A 46 -4.12 29.49 -5.83
CA GLN A 46 -4.28 28.74 -7.07
C GLN A 46 -2.96 28.10 -7.44
N PHE A 47 -3.04 26.85 -7.87
CA PHE A 47 -1.91 26.04 -8.26
C PHE A 47 -0.97 26.72 -9.25
N LEU A 48 0.33 26.58 -9.02
CA LEU A 48 1.32 27.14 -9.91
C LEU A 48 1.96 25.93 -10.61
N PHE A 49 2.63 25.08 -9.84
CA PHE A 49 3.25 23.89 -10.40
C PHE A 49 3.68 22.94 -9.30
N ARG A 50 4.13 21.74 -9.71
CA ARG A 50 4.59 20.74 -8.77
C ARG A 50 5.91 20.15 -9.25
N ALA A 51 6.52 19.33 -8.40
CA ALA A 51 7.77 18.63 -8.69
C ALA A 51 7.72 17.41 -7.77
N SER A 52 7.84 16.22 -8.34
CA SER A 52 7.75 14.98 -7.55
C SER A 52 9.05 14.41 -6.98
N ARG A 53 10.16 14.63 -7.67
CA ARG A 53 11.44 14.07 -7.22
C ARG A 53 12.58 15.06 -7.39
N ASP A 54 13.69 14.73 -6.73
CA ASP A 54 14.91 15.51 -6.77
C ASP A 54 15.33 15.89 -8.19
N LYS A 55 15.76 17.14 -8.36
CA LYS A 55 16.22 17.66 -9.65
C LYS A 55 15.15 18.00 -10.68
N GLU A 56 13.90 17.67 -10.38
CA GLU A 56 12.79 17.95 -11.27
C GLU A 56 12.39 19.42 -11.10
N LYS A 57 12.12 20.10 -12.22
CA LYS A 57 11.74 21.51 -12.18
C LYS A 57 10.30 21.74 -12.61
N GLY A 58 9.56 22.49 -11.79
CA GLY A 58 8.18 22.80 -12.12
C GLY A 58 8.17 24.24 -12.60
N SER A 59 7.24 24.57 -13.48
CA SER A 59 7.19 25.93 -14.00
C SER A 59 5.81 26.30 -14.51
N SER A 60 5.55 27.59 -14.59
CA SER A 60 4.27 28.11 -15.05
C SER A 60 4.28 29.63 -15.04
N ARG A 61 3.93 30.23 -16.17
CA ARG A 61 3.86 31.68 -16.31
C ARG A 61 5.12 32.42 -15.87
N GLY A 62 6.29 31.85 -16.16
CA GLY A 62 7.53 32.50 -15.79
C GLY A 62 8.10 32.07 -14.45
N PHE A 63 7.26 31.50 -13.60
CA PHE A 63 7.71 31.04 -12.30
C PHE A 63 8.26 29.63 -12.42
N GLU A 64 9.26 29.31 -11.60
CA GLU A 64 9.84 27.99 -11.64
C GLU A 64 10.54 27.71 -10.32
N ALA A 65 10.69 26.44 -10.00
CA ALA A 65 11.36 26.01 -8.78
C ALA A 65 11.90 24.62 -9.05
N THR A 66 13.11 24.34 -8.55
CA THR A 66 13.72 23.04 -8.77
C THR A 66 13.81 22.25 -7.46
N TYR A 67 13.39 20.99 -7.49
CA TYR A 67 13.42 20.13 -6.32
C TYR A 67 14.88 19.86 -5.95
N ASN A 68 15.31 20.34 -4.78
CA ASN A 68 16.69 20.11 -4.35
C ASN A 68 16.65 19.38 -3.02
N LYS A 69 16.73 18.05 -3.09
CA LYS A 69 16.66 17.20 -1.92
C LYS A 69 17.85 17.36 -0.97
N GLU A 70 19.01 17.69 -1.53
CA GLU A 70 20.22 17.87 -0.73
C GLU A 70 20.06 19.04 0.25
N ALA A 71 19.46 20.12 -0.22
CA ALA A 71 19.24 21.29 0.62
C ALA A 71 17.79 21.37 1.08
N THR A 72 17.01 20.35 0.76
CA THR A 72 15.58 20.30 1.08
C THR A 72 14.96 21.66 0.75
N SER A 73 15.16 22.10 -0.48
CA SER A 73 14.65 23.37 -0.93
C SER A 73 13.82 23.27 -2.19
N PHE A 74 12.98 24.29 -2.40
CA PHE A 74 12.13 24.38 -3.57
C PHE A 74 11.95 25.89 -3.77
N HIS A 75 13.07 26.58 -3.96
CA HIS A 75 13.06 28.04 -4.11
C HIS A 75 12.44 28.56 -5.41
N LEU A 76 11.45 29.43 -5.24
CA LEU A 76 10.74 30.04 -6.37
C LEU A 76 11.62 31.04 -7.11
N GLN A 77 11.52 31.02 -8.44
CA GLN A 77 12.29 31.88 -9.34
C GLN A 77 11.36 32.54 -10.37
N LYS A 78 11.65 33.80 -10.68
CA LYS A 78 10.88 34.56 -11.68
C LYS A 78 11.83 35.64 -12.21
N ALA A 79 12.08 35.62 -13.52
CA ALA A 79 13.01 36.56 -14.15
C ALA A 79 12.77 38.05 -13.94
N SER A 80 11.58 38.55 -14.30
CA SER A 80 11.29 39.97 -14.14
C SER A 80 9.83 40.19 -13.78
N VAL A 81 9.58 40.37 -12.49
CA VAL A 81 8.24 40.57 -11.98
C VAL A 81 7.55 41.82 -12.49
N GLN A 82 6.24 41.82 -12.41
CA GLN A 82 5.42 42.94 -12.83
C GLN A 82 4.50 43.28 -11.66
N GLU A 83 3.89 44.46 -11.71
CA GLU A 83 3.01 44.89 -10.63
C GLU A 83 1.93 43.85 -10.35
N SER A 84 1.40 43.23 -11.40
CA SER A 84 0.36 42.23 -11.22
C SER A 84 0.86 40.95 -10.55
N ASP A 85 2.15 40.88 -10.27
CA ASP A 85 2.67 39.70 -9.58
C ASP A 85 2.50 39.86 -8.06
N SER A 86 2.06 41.03 -7.64
CA SER A 86 1.84 41.30 -6.23
C SER A 86 0.79 40.32 -5.72
N ALA A 87 1.16 39.53 -4.72
CA ALA A 87 0.26 38.54 -4.14
C ALA A 87 0.98 37.78 -3.05
N VAL A 88 0.33 36.75 -2.52
CA VAL A 88 0.94 35.93 -1.49
C VAL A 88 1.28 34.57 -2.10
N TYR A 89 2.54 34.18 -1.98
CA TYR A 89 3.00 32.90 -2.52
C TYR A 89 3.15 31.85 -1.42
N TYR A 90 2.62 30.67 -1.69
CA TYR A 90 2.67 29.58 -0.74
C TYR A 90 3.46 28.39 -1.23
N CYS A 91 4.30 27.87 -0.35
CA CYS A 91 5.07 26.68 -0.66
C CYS A 91 4.23 25.58 -0.01
N ALA A 92 4.22 24.39 -0.59
CA ALA A 92 3.45 23.29 -0.03
C ALA A 92 4.03 21.95 -0.45
N LEU A 93 3.54 20.88 0.17
CA LEU A 93 4.03 19.54 -0.13
C LEU A 93 2.97 18.49 0.18
N SER A 94 3.13 17.32 -0.41
CA SER A 94 2.24 16.18 -0.15
C SER A 94 3.24 15.03 0.00
N GLU A 95 2.89 14.03 0.78
CA GLU A 95 3.82 12.92 0.98
C GLU A 95 3.61 11.76 0.05
N ASN A 96 4.64 10.94 -0.11
CA ASN A 96 4.55 9.78 -0.96
C ASN A 96 3.66 8.72 -0.30
N TYR A 97 3.09 9.05 0.86
CA TYR A 97 2.22 8.12 1.58
C TYR A 97 0.92 7.78 0.87
N GLY A 98 0.50 8.63 -0.07
CA GLY A 98 -0.75 8.39 -0.78
C GLY A 98 -1.88 9.07 -0.05
N ASN A 99 -1.47 9.75 1.01
CA ASN A 99 -2.31 10.51 1.93
C ASN A 99 -3.21 11.55 1.27
N GLU A 100 -2.58 12.38 0.45
CA GLU A 100 -3.23 13.46 -0.25
C GLU A 100 -3.63 14.60 0.68
N LYS A 101 -2.90 14.70 1.78
CA LYS A 101 -3.06 15.79 2.73
C LYS A 101 -2.01 16.79 2.28
N ILE A 102 -2.42 17.99 1.89
CA ILE A 102 -1.45 18.98 1.42
C ILE A 102 -1.12 19.99 2.50
N THR A 103 0.16 20.05 2.87
CA THR A 103 0.65 20.96 3.91
C THR A 103 1.25 22.23 3.30
N PHE A 104 0.77 23.38 3.78
CA PHE A 104 1.23 24.67 3.29
C PHE A 104 2.18 25.37 4.24
N GLY A 105 2.94 26.32 3.68
CA GLY A 105 3.84 27.10 4.49
C GLY A 105 3.11 28.31 5.03
N ALA A 106 3.84 29.26 5.60
CA ALA A 106 3.24 30.45 6.17
C ALA A 106 2.88 31.48 5.09
N GLY A 107 3.43 31.30 3.89
CA GLY A 107 3.16 32.22 2.82
C GLY A 107 4.10 33.43 2.87
N THR A 108 4.40 33.99 1.70
CA THR A 108 5.27 35.15 1.60
C THR A 108 4.54 36.23 0.77
N LYS A 109 4.39 37.41 1.36
CA LYS A 109 3.71 38.52 0.69
C LYS A 109 4.68 39.24 -0.24
N LEU A 110 4.30 39.37 -1.50
CA LEU A 110 5.15 40.06 -2.45
C LEU A 110 4.49 41.34 -2.94
N GLN A 111 5.17 42.46 -2.72
CA GLN A 111 4.68 43.74 -3.19
C GLN A 111 5.62 44.21 -4.28
N VAL A 112 5.15 44.23 -5.52
CA VAL A 112 5.96 44.71 -6.63
C VAL A 112 5.53 46.15 -6.80
N VAL A 113 6.38 47.07 -6.39
CA VAL A 113 6.07 48.48 -6.46
C VAL A 113 5.90 49.01 -7.89
N PRO A 114 4.88 49.86 -8.09
CA PRO A 114 4.64 50.43 -9.42
C PRO A 114 5.79 51.34 -9.81
N ALA B 1 -15.74 25.40 -10.90
CA ALA B 1 -15.56 26.44 -9.84
C ALA B 1 -16.04 25.95 -8.49
N VAL B 2 -15.35 26.39 -7.45
CA VAL B 2 -15.68 26.05 -6.07
C VAL B 2 -16.30 27.30 -5.47
N THR B 3 -17.45 27.14 -4.82
CA THR B 3 -18.12 28.28 -4.21
C THR B 3 -18.42 28.03 -2.75
N GLN B 4 -18.19 29.04 -1.92
CA GLN B 4 -18.41 28.91 -0.48
C GLN B 4 -19.58 29.76 0.00
N SER B 5 -20.22 29.31 1.06
CA SER B 5 -21.35 30.03 1.62
C SER B 5 -21.33 29.94 3.15
N PRO B 6 -21.39 31.11 3.82
CA PRO B 6 -21.46 32.44 3.21
C PRO B 6 -20.06 32.98 2.94
N ARG B 7 -19.98 34.17 2.36
CA ARG B 7 -18.68 34.80 2.09
C ARG B 7 -18.23 35.51 3.36
N ASN B 8 -19.17 36.14 4.05
CA ASN B 8 -18.90 36.87 5.29
C ASN B 8 -19.83 36.40 6.40
N LYS B 9 -19.34 36.42 7.63
CA LYS B 9 -20.15 36.01 8.76
C LYS B 9 -19.60 36.46 10.10
N VAL B 10 -20.42 37.19 10.84
CA VAL B 10 -20.06 37.64 12.17
C VAL B 10 -20.86 36.75 13.10
N ALA B 11 -20.20 36.21 14.12
CA ALA B 11 -20.87 35.34 15.06
C ALA B 11 -20.54 35.71 16.49
N VAL B 12 -21.31 35.18 17.42
CA VAL B 12 -21.09 35.42 18.83
C VAL B 12 -20.55 34.15 19.47
N THR B 13 -19.74 34.29 20.52
CA THR B 13 -19.16 33.16 21.22
C THR B 13 -20.26 32.17 21.61
N GLY B 14 -20.03 30.89 21.36
CA GLY B 14 -21.00 29.87 21.70
C GLY B 14 -22.03 29.59 20.62
N GLU B 15 -22.01 30.38 19.55
CA GLU B 15 -22.96 30.20 18.45
C GLU B 15 -22.61 28.98 17.60
N LYS B 16 -23.63 28.32 17.06
CA LYS B 16 -23.39 27.15 16.21
C LYS B 16 -23.27 27.70 14.80
N VAL B 17 -22.10 27.54 14.21
CA VAL B 17 -21.87 28.05 12.86
C VAL B 17 -21.52 26.98 11.85
N THR B 18 -22.12 27.08 10.68
CA THR B 18 -21.87 26.12 9.61
C THR B 18 -21.51 26.81 8.31
N LEU B 19 -20.37 26.43 7.76
CA LEU B 19 -19.89 26.98 6.49
C LEU B 19 -20.13 25.94 5.42
N SER B 20 -20.63 26.37 4.26
CA SER B 20 -20.92 25.45 3.18
C SER B 20 -19.99 25.56 1.98
N CYS B 21 -19.72 24.44 1.34
CA CYS B 21 -18.88 24.42 0.17
C CYS B 21 -19.46 23.54 -0.92
N ASN B 22 -19.45 24.05 -2.14
CA ASN B 22 -19.97 23.30 -3.27
C ASN B 22 -19.01 23.36 -4.45
N GLN B 23 -18.77 22.21 -5.08
CA GLN B 23 -17.90 22.16 -6.24
C GLN B 23 -18.52 21.29 -7.31
N THR B 24 -18.48 21.80 -8.54
CA THR B 24 -19.02 21.11 -9.68
C THR B 24 -17.89 20.63 -10.57
N ASN B 25 -16.75 20.35 -9.95
CA ASN B 25 -15.59 19.87 -10.67
C ASN B 25 -15.66 18.35 -10.76
N ASN B 26 -16.58 17.78 -9.98
CA ASN B 26 -16.75 16.34 -9.91
C ASN B 26 -15.48 15.75 -9.27
N HIS B 27 -14.90 16.50 -8.34
CA HIS B 27 -13.71 16.05 -7.63
C HIS B 27 -14.08 15.16 -6.46
N ASN B 28 -13.32 14.09 -6.26
CA ASN B 28 -13.61 13.17 -5.16
C ASN B 28 -13.15 13.70 -3.81
N ASN B 29 -12.08 14.48 -3.80
CA ASN B 29 -11.55 15.04 -2.56
C ASN B 29 -12.00 16.48 -2.33
N MET B 30 -12.29 16.80 -1.08
CA MET B 30 -12.69 18.16 -0.68
C MET B 30 -11.99 18.43 0.65
N TYR B 31 -11.56 19.66 0.87
CA TYR B 31 -10.83 20.04 2.09
C TYR B 31 -11.27 21.38 2.66
N TRP B 32 -11.06 21.56 3.95
CA TRP B 32 -11.36 22.82 4.63
C TRP B 32 -10.10 23.31 5.34
N TYR B 33 -9.62 24.48 4.95
CA TYR B 33 -8.44 25.09 5.57
C TYR B 33 -8.84 26.41 6.18
N ARG B 34 -8.03 26.86 7.13
CA ARG B 34 -8.24 28.18 7.69
C ARG B 34 -6.93 28.88 7.39
N GLN B 35 -6.98 30.20 7.24
CA GLN B 35 -5.78 30.97 6.94
C GLN B 35 -5.63 32.04 8.00
N ASP B 36 -4.45 32.08 8.60
CA ASP B 36 -4.16 33.05 9.66
C ASP B 36 -2.71 33.52 9.58
N THR B 37 -2.50 34.80 9.89
CA THR B 37 -1.18 35.40 9.87
C THR B 37 -0.23 34.61 10.74
N GLY B 38 0.94 34.30 10.19
CA GLY B 38 1.93 33.55 10.93
C GLY B 38 1.79 32.05 10.74
N HIS B 39 0.60 31.59 10.38
CA HIS B 39 0.36 30.16 10.20
C HIS B 39 0.17 29.73 8.75
N GLY B 40 -0.16 30.67 7.88
CA GLY B 40 -0.40 30.31 6.50
C GLY B 40 -1.71 29.54 6.50
N LEU B 41 -1.80 28.50 5.67
CA LEU B 41 -3.00 27.68 5.59
C LEU B 41 -2.81 26.41 6.42
N ARG B 42 -3.84 26.03 7.18
CA ARG B 42 -3.79 24.83 8.02
C ARG B 42 -5.03 23.98 7.78
N LEU B 43 -4.80 22.71 7.47
CA LEU B 43 -5.88 21.77 7.19
C LEU B 43 -6.69 21.42 8.44
N ILE B 44 -8.00 21.59 8.35
CA ILE B 44 -8.91 21.30 9.45
C ILE B 44 -9.58 19.94 9.28
N TYR B 45 -10.20 19.74 8.11
CA TYR B 45 -10.89 18.50 7.77
C TYR B 45 -10.89 18.32 6.26
N TYR B 46 -10.96 17.07 5.81
CA TYR B 46 -11.01 16.77 4.40
C TYR B 46 -11.81 15.49 4.18
N SER B 47 -12.15 15.21 2.93
CA SER B 47 -12.94 14.02 2.62
C SER B 47 -12.52 13.33 1.33
N TYR B 48 -12.50 12.01 1.35
CA TYR B 48 -12.13 11.22 0.19
C TYR B 48 -13.34 10.88 -0.68
N GLY B 49 -14.54 11.24 -0.22
CA GLY B 49 -15.74 10.97 -1.00
C GLY B 49 -17.01 11.05 -0.18
N ALA B 50 -18.17 11.01 -0.85
CA ALA B 50 -19.45 11.10 -0.15
C ALA B 50 -19.48 10.13 1.02
N GLY B 51 -19.83 10.65 2.20
CA GLY B 51 -19.92 9.81 3.39
C GLY B 51 -18.64 9.73 4.21
N SER B 52 -17.52 10.17 3.62
CA SER B 52 -16.23 10.14 4.31
C SER B 52 -15.87 11.49 4.90
N THR B 53 -15.25 11.45 6.08
CA THR B 53 -14.82 12.64 6.76
C THR B 53 -13.52 12.28 7.47
N GLU B 54 -12.43 12.96 7.11
CA GLU B 54 -11.14 12.69 7.73
C GLU B 54 -10.64 13.93 8.46
N LYS B 55 -10.15 13.75 9.68
CA LYS B 55 -9.63 14.87 10.45
C LYS B 55 -8.34 15.38 9.82
N GLY B 56 -8.15 16.69 9.85
CA GLY B 56 -6.94 17.28 9.29
C GLY B 56 -5.88 17.43 10.37
N ASP B 57 -5.14 18.54 10.34
CA ASP B 57 -4.12 18.74 11.36
C ASP B 57 -4.65 19.45 12.59
N ILE B 58 -5.74 20.20 12.44
CA ILE B 58 -6.31 20.93 13.56
C ILE B 58 -7.83 20.82 13.59
N PRO B 59 -8.35 19.59 13.82
CA PRO B 59 -9.78 19.32 13.86
C PRO B 59 -10.51 19.85 15.09
N ASP B 60 -9.80 19.97 16.20
CA ASP B 60 -10.43 20.43 17.44
C ASP B 60 -11.33 21.65 17.28
N GLY B 61 -12.55 21.53 17.79
CA GLY B 61 -13.51 22.61 17.72
C GLY B 61 -14.30 22.59 16.43
N TYR B 62 -13.99 21.62 15.57
CA TYR B 62 -14.69 21.54 14.29
C TYR B 62 -15.28 20.16 14.01
N LYS B 63 -16.18 20.13 13.03
CA LYS B 63 -16.86 18.92 12.60
C LYS B 63 -17.21 19.18 11.13
N ALA B 64 -17.21 18.13 10.31
CA ALA B 64 -17.55 18.29 8.91
C ALA B 64 -18.44 17.17 8.40
N SER B 65 -19.09 17.39 7.27
CA SER B 65 -19.98 16.41 6.67
C SER B 65 -19.86 16.48 5.16
N ARG B 66 -19.82 15.30 4.54
CA ARG B 66 -19.74 15.20 3.08
C ARG B 66 -20.96 14.37 2.67
N PRO B 67 -22.15 14.98 2.65
CA PRO B 67 -23.42 14.32 2.30
C PRO B 67 -23.54 13.95 0.82
N SER B 68 -22.64 14.47 0.00
CA SER B 68 -22.65 14.18 -1.42
C SER B 68 -21.31 14.57 -2.04
N GLN B 69 -21.14 14.24 -3.31
CA GLN B 69 -19.91 14.55 -4.03
C GLN B 69 -19.64 16.04 -4.09
N GLU B 70 -20.67 16.80 -4.49
CA GLU B 70 -20.55 18.24 -4.64
C GLU B 70 -20.40 19.06 -3.36
N ASN B 71 -21.04 18.63 -2.28
CA ASN B 71 -21.01 19.41 -1.05
C ASN B 71 -20.21 18.88 0.12
N PHE B 72 -19.62 19.82 0.86
CA PHE B 72 -18.79 19.52 2.03
C PHE B 72 -18.89 20.71 2.98
N SER B 73 -19.51 20.49 4.14
CA SER B 73 -19.68 21.56 5.11
C SER B 73 -18.75 21.44 6.30
N LEU B 74 -18.51 22.56 6.96
CA LEU B 74 -17.67 22.63 8.15
C LEU B 74 -18.55 23.26 9.22
N THR B 75 -18.60 22.64 10.39
CA THR B 75 -19.44 23.15 11.46
C THR B 75 -18.69 23.45 12.74
N LEU B 76 -18.91 24.64 13.27
CA LEU B 76 -18.32 25.07 14.52
C LEU B 76 -19.48 25.00 15.50
N GLU B 77 -19.51 23.93 16.29
CA GLU B 77 -20.59 23.73 17.25
C GLU B 77 -20.72 24.89 18.24
N SER B 78 -19.60 25.29 18.85
CA SER B 78 -19.59 26.39 19.81
C SER B 78 -18.47 27.38 19.51
N ALA B 79 -18.76 28.35 18.64
CA ALA B 79 -17.79 29.35 18.22
C ALA B 79 -17.02 30.05 19.34
N THR B 80 -15.71 30.14 19.18
CA THR B 80 -14.84 30.82 20.14
C THR B 80 -14.03 31.85 19.34
N PRO B 81 -13.58 32.92 19.99
CA PRO B 81 -12.78 33.94 19.29
C PRO B 81 -11.59 33.38 18.51
N SER B 82 -10.97 32.33 19.02
CA SER B 82 -9.82 31.73 18.36
C SER B 82 -10.18 31.21 16.97
N GLN B 83 -11.46 30.99 16.73
CA GLN B 83 -11.89 30.49 15.43
C GLN B 83 -12.09 31.59 14.40
N THR B 84 -11.80 32.82 14.80
CA THR B 84 -11.88 33.95 13.88
C THR B 84 -10.78 33.72 12.85
N SER B 85 -11.14 33.75 11.57
CA SER B 85 -10.17 33.50 10.53
C SER B 85 -10.84 33.59 9.18
N VAL B 86 -10.10 33.18 8.14
CA VAL B 86 -10.63 33.14 6.79
C VAL B 86 -10.58 31.67 6.42
N TYR B 87 -11.74 31.07 6.16
CA TYR B 87 -11.80 29.66 5.79
C TYR B 87 -11.85 29.43 4.29
N PHE B 88 -11.04 28.50 3.82
CA PHE B 88 -10.98 28.19 2.40
C PHE B 88 -11.32 26.75 2.12
N CYS B 89 -12.13 26.55 1.10
CA CYS B 89 -12.52 25.21 0.69
C CYS B 89 -11.79 24.89 -0.61
N ALA B 90 -11.39 23.62 -0.77
CA ALA B 90 -10.70 23.20 -1.99
C ALA B 90 -11.14 21.82 -2.42
N SER B 91 -11.08 21.57 -3.73
CA SER B 91 -11.45 20.27 -4.27
C SER B 91 -10.25 19.76 -5.06
N GLY B 92 -10.18 18.44 -5.24
CA GLY B 92 -9.08 17.85 -5.97
C GLY B 92 -9.50 16.50 -6.53
N ASP B 93 -8.80 16.03 -7.55
CA ASP B 93 -9.16 14.76 -8.18
C ASP B 93 -8.59 13.49 -7.56
N ALA B 94 -8.12 13.59 -6.32
CA ALA B 94 -7.57 12.44 -5.58
C ALA B 94 -6.50 11.64 -6.33
N SER B 95 -5.72 12.31 -7.14
CA SER B 95 -4.64 11.67 -7.87
C SER B 95 -3.40 12.11 -7.12
N GLY B 96 -2.64 11.18 -6.56
CA GLY B 96 -1.45 11.53 -5.82
C GLY B 96 -0.79 12.85 -6.20
N ALA B 97 -0.39 13.62 -5.20
CA ALA B 97 0.25 14.91 -5.44
C ALA B 97 -0.66 15.77 -6.30
N GLU B 98 -1.97 15.65 -6.05
CA GLU B 98 -3.01 16.38 -6.79
C GLU B 98 -2.98 17.88 -6.55
N THR B 99 -3.51 18.63 -7.51
CA THR B 99 -3.55 20.07 -7.34
C THR B 99 -4.89 20.41 -6.69
N LEU B 100 -4.90 21.46 -5.88
CA LEU B 100 -6.12 21.88 -5.21
C LEU B 100 -6.74 23.09 -5.89
N TYR B 101 -8.06 23.11 -5.99
CA TYR B 101 -8.77 24.22 -6.59
C TYR B 101 -9.54 24.86 -5.44
N PHE B 102 -9.08 26.04 -5.03
CA PHE B 102 -9.68 26.75 -3.92
C PHE B 102 -10.86 27.67 -4.23
N GLY B 103 -11.69 27.87 -3.21
CA GLY B 103 -12.83 28.76 -3.34
C GLY B 103 -12.29 30.13 -2.94
N PRO B 104 -13.05 31.23 -3.10
CA PRO B 104 -12.55 32.55 -2.73
C PRO B 104 -12.50 32.83 -1.23
N GLY B 105 -12.93 31.86 -0.44
CA GLY B 105 -12.88 32.02 1.00
C GLY B 105 -14.10 32.57 1.71
N THR B 106 -14.13 32.34 3.02
CA THR B 106 -15.21 32.81 3.89
C THR B 106 -14.58 33.48 5.10
N ARG B 107 -14.81 34.77 5.23
CA ARG B 107 -14.25 35.53 6.35
C ARG B 107 -15.18 35.40 7.56
N LEU B 108 -14.69 34.75 8.60
CA LEU B 108 -15.48 34.54 9.82
C LEU B 108 -14.85 35.26 11.01
N THR B 109 -15.63 36.12 11.68
CA THR B 109 -15.14 36.85 12.82
C THR B 109 -16.04 36.58 14.02
N VAL B 110 -15.47 36.05 15.08
CA VAL B 110 -16.24 35.72 16.27
C VAL B 110 -16.11 36.78 17.36
N LEU B 111 -17.19 37.53 17.56
CA LEU B 111 -17.23 38.57 18.58
C LEU B 111 -18.08 38.05 19.74
N ASP C 1 7.46 -15.25 -19.69
CA ASP C 1 6.64 -14.00 -19.67
C ASP C 1 6.86 -13.26 -18.34
N ASP C 2 6.99 -14.00 -17.25
CA ASP C 2 7.18 -13.40 -15.93
C ASP C 2 8.46 -12.57 -15.80
N ILE C 3 8.32 -11.38 -15.23
CA ILE C 3 9.45 -10.47 -15.00
C ILE C 3 10.30 -11.04 -13.86
N GLU C 4 11.61 -10.98 -14.00
CA GLU C 4 12.49 -11.50 -12.96
C GLU C 4 13.33 -10.43 -12.26
N ALA C 5 13.60 -10.66 -10.97
CA ALA C 5 14.38 -9.74 -10.15
C ALA C 5 14.76 -10.42 -8.85
N ASP C 6 15.63 -9.76 -8.07
CA ASP C 6 16.07 -10.28 -6.78
C ASP C 6 14.97 -10.11 -5.73
N HIS C 7 14.22 -9.02 -5.83
CA HIS C 7 13.14 -8.73 -4.90
C HIS C 7 12.00 -8.02 -5.59
N VAL C 8 10.80 -8.21 -5.06
CA VAL C 8 9.61 -7.59 -5.60
C VAL C 8 8.79 -6.98 -4.48
N GLY C 9 8.53 -5.68 -4.57
CA GLY C 9 7.74 -5.02 -3.58
C GLY C 9 6.48 -4.48 -4.25
N SER C 10 5.32 -4.80 -3.67
CA SER C 10 4.04 -4.32 -4.18
C SER C 10 3.49 -3.40 -3.11
N TYR C 11 3.75 -2.11 -3.25
CA TYR C 11 3.33 -1.14 -2.25
C TYR C 11 2.00 -0.47 -2.52
N GLY C 12 0.91 -1.17 -2.17
CA GLY C 12 -0.41 -0.61 -2.37
C GLY C 12 -1.32 -1.33 -3.34
N ILE C 13 -1.52 -2.63 -3.14
CA ILE C 13 -2.40 -3.40 -4.00
C ILE C 13 -3.84 -3.05 -3.58
N VAL C 14 -4.67 -2.68 -4.54
CA VAL C 14 -6.04 -2.32 -4.26
C VAL C 14 -7.01 -3.32 -4.87
N VAL C 15 -7.96 -3.78 -4.06
CA VAL C 15 -9.00 -4.69 -4.54
C VAL C 15 -10.31 -4.09 -4.08
N TYR C 16 -11.14 -3.68 -5.04
CA TYR C 16 -12.43 -3.10 -4.71
C TYR C 16 -13.53 -3.79 -5.48
N GLN C 17 -14.54 -4.28 -4.76
CA GLN C 17 -15.63 -5.04 -5.37
C GLN C 17 -17.04 -4.53 -5.06
N SER C 18 -17.94 -4.80 -6.01
CA SER C 18 -19.34 -4.43 -5.89
C SER C 18 -20.17 -5.60 -6.40
N PRO C 19 -21.36 -5.82 -5.82
CA PRO C 19 -21.99 -5.04 -4.75
C PRO C 19 -21.37 -5.30 -3.39
N GLY C 20 -21.70 -4.44 -2.42
CA GLY C 20 -21.18 -4.60 -1.07
C GLY C 20 -20.00 -3.72 -0.72
N ASP C 21 -19.53 -2.92 -1.68
CA ASP C 21 -18.37 -2.05 -1.46
C ASP C 21 -17.31 -2.80 -0.65
N ILE C 22 -16.75 -3.84 -1.26
CA ILE C 22 -15.74 -4.66 -0.58
C ILE C 22 -14.32 -4.28 -1.01
N GLY C 23 -13.50 -3.91 -0.03
CA GLY C 23 -12.15 -3.53 -0.38
C GLY C 23 -11.06 -4.16 0.48
N GLN C 24 -9.88 -4.25 -0.11
CA GLN C 24 -8.70 -4.78 0.56
C GLN C 24 -7.53 -3.93 0.09
N TYR C 25 -6.66 -3.56 1.02
CA TYR C 25 -5.47 -2.76 0.72
C TYR C 25 -4.30 -3.48 1.39
N THR C 26 -3.32 -3.88 0.61
CA THR C 26 -2.18 -4.60 1.16
C THR C 26 -0.84 -4.21 0.56
N PHE C 27 0.21 -4.58 1.30
CA PHE C 27 1.60 -4.36 0.88
C PHE C 27 2.21 -5.76 0.86
N GLU C 28 2.90 -6.10 -0.21
CA GLU C 28 3.55 -7.41 -0.32
C GLU C 28 5.04 -7.20 -0.60
N PHE C 29 5.89 -8.07 -0.03
CA PHE C 29 7.31 -8.02 -0.33
C PHE C 29 7.76 -9.47 -0.56
N ASP C 30 8.25 -9.73 -1.77
CA ASP C 30 8.68 -11.08 -2.16
C ASP C 30 7.60 -12.13 -1.91
N GLY C 31 6.36 -11.79 -2.20
CA GLY C 31 5.27 -12.75 -2.04
C GLY C 31 4.62 -12.85 -0.66
N ASP C 32 5.25 -12.25 0.34
CA ASP C 32 4.69 -12.29 1.69
C ASP C 32 3.92 -11.01 2.03
N GLU C 33 3.00 -11.15 2.98
CA GLU C 33 2.16 -10.04 3.41
C GLU C 33 2.83 -9.12 4.43
N LEU C 34 3.10 -7.88 4.02
CA LEU C 34 3.68 -6.91 4.94
C LEU C 34 2.55 -6.50 5.88
N PHE C 35 1.41 -6.17 5.30
CA PHE C 35 0.24 -5.78 6.09
C PHE C 35 -0.97 -5.56 5.20
N TYR C 36 -2.10 -5.31 5.85
CA TYR C 36 -3.33 -4.96 5.15
C TYR C 36 -3.88 -3.83 6.01
N VAL C 37 -4.64 -2.92 5.41
CA VAL C 37 -5.20 -1.83 6.19
C VAL C 37 -6.65 -2.12 6.51
N ASP C 38 -6.98 -2.16 7.80
CA ASP C 38 -8.36 -2.39 8.21
C ASP C 38 -9.06 -1.06 7.93
N LEU C 39 -9.88 -1.06 6.90
CA LEU C 39 -10.58 0.14 6.46
C LEU C 39 -11.64 0.66 7.44
N ASP C 40 -12.18 -0.21 8.27
CA ASP C 40 -13.20 0.22 9.24
C ASP C 40 -12.55 0.81 10.48
N LYS C 41 -11.42 0.24 10.90
CA LYS C 41 -10.73 0.75 12.08
C LYS C 41 -9.73 1.82 11.70
N LYS C 42 -9.43 1.93 10.40
CA LYS C 42 -8.47 2.90 9.93
C LYS C 42 -7.15 2.60 10.63
N GLU C 43 -6.75 1.34 10.59
CA GLU C 43 -5.54 0.88 11.24
C GLU C 43 -4.73 -0.05 10.35
N THR C 44 -3.41 0.10 10.38
CA THR C 44 -2.54 -0.76 9.58
C THR C 44 -2.23 -2.01 10.40
N ILE C 45 -2.61 -3.17 9.87
CA ILE C 45 -2.40 -4.42 10.58
C ILE C 45 -1.21 -5.18 10.00
N TRP C 46 -0.12 -5.23 10.76
CA TRP C 46 1.10 -5.89 10.30
C TRP C 46 1.18 -7.39 10.58
N MET C 47 1.56 -8.14 9.55
CA MET C 47 1.70 -9.59 9.64
C MET C 47 2.76 -9.92 10.69
N LEU C 48 3.86 -9.17 10.69
CA LEU C 48 4.94 -9.37 11.66
C LEU C 48 5.01 -8.14 12.57
N PRO C 49 4.49 -8.23 13.79
CA PRO C 49 4.50 -7.10 14.72
C PRO C 49 5.87 -6.45 14.91
N GLU C 50 6.94 -7.24 14.93
CA GLU C 50 8.26 -6.67 15.09
C GLU C 50 8.57 -5.63 14.00
N PHE C 51 8.05 -5.85 12.80
CA PHE C 51 8.27 -4.91 11.69
C PHE C 51 7.70 -3.51 11.97
N ALA C 52 6.47 -3.47 12.48
CA ALA C 52 5.78 -2.22 12.77
C ALA C 52 6.57 -1.28 13.70
N GLN C 53 7.57 -1.82 14.37
CA GLN C 53 8.38 -1.00 15.26
C GLN C 53 9.51 -0.29 14.52
N LEU C 54 9.80 -0.73 13.30
CA LEU C 54 10.88 -0.14 12.50
C LEU C 54 10.38 0.57 11.26
N ARG C 55 9.13 0.30 10.89
CA ARG C 55 8.53 0.93 9.71
C ARG C 55 7.04 1.08 9.96
N SER C 56 6.39 1.88 9.14
CA SER C 56 4.97 2.10 9.31
C SER C 56 4.34 2.56 8.02
N PHE C 57 3.02 2.69 8.04
CA PHE C 57 2.28 3.16 6.89
C PHE C 57 0.99 3.78 7.41
N ASP C 58 0.75 5.03 7.03
CA ASP C 58 -0.46 5.73 7.45
C ASP C 58 -1.65 5.08 6.75
N PRO C 59 -2.61 4.56 7.52
CA PRO C 59 -3.78 3.92 6.91
C PRO C 59 -4.54 4.84 5.95
N GLN C 60 -4.39 6.14 6.12
CA GLN C 60 -5.06 7.10 5.25
C GLN C 60 -4.71 6.87 3.78
N GLY C 61 -3.49 6.41 3.53
CA GLY C 61 -3.08 6.15 2.16
C GLY C 61 -3.91 5.00 1.62
N GLY C 62 -4.32 4.11 2.53
CA GLY C 62 -5.12 2.97 2.13
C GLY C 62 -6.53 3.47 1.80
N LEU C 63 -7.06 4.33 2.66
CA LEU C 63 -8.38 4.90 2.47
C LEU C 63 -8.47 5.67 1.15
N GLN C 64 -7.44 6.46 0.86
CA GLN C 64 -7.43 7.24 -0.37
C GLN C 64 -7.46 6.36 -1.61
N ASN C 65 -6.52 5.42 -1.70
CA ASN C 65 -6.45 4.54 -2.87
C ASN C 65 -7.66 3.61 -2.97
N ILE C 66 -8.27 3.28 -1.83
CA ILE C 66 -9.45 2.44 -1.83
C ILE C 66 -10.61 3.25 -2.42
N ALA C 67 -10.64 4.54 -2.08
CA ALA C 67 -11.68 5.44 -2.58
C ALA C 67 -11.58 5.54 -4.11
N THR C 68 -10.35 5.54 -4.60
CA THR C 68 -10.12 5.62 -6.04
C THR C 68 -10.52 4.29 -6.66
N GLY C 69 -10.48 3.23 -5.86
CA GLY C 69 -10.87 1.93 -6.35
C GLY C 69 -12.38 1.99 -6.60
N LYS C 70 -13.10 2.53 -5.62
CA LYS C 70 -14.54 2.68 -5.73
C LYS C 70 -14.89 3.53 -6.94
N HIS C 71 -14.08 4.54 -7.18
CA HIS C 71 -14.28 5.43 -8.33
C HIS C 71 -14.06 4.66 -9.63
N ASN C 72 -12.88 4.04 -9.76
CA ASN C 72 -12.56 3.30 -10.96
C ASN C 72 -13.51 2.12 -11.20
N LEU C 73 -14.00 1.53 -10.13
CA LEU C 73 -14.98 0.44 -10.27
C LEU C 73 -16.29 1.20 -10.38
N GLY C 74 -16.72 1.45 -11.60
CA GLY C 74 -17.94 2.21 -11.80
C GLY C 74 -17.69 2.78 -13.17
N VAL C 75 -16.53 3.41 -13.32
CA VAL C 75 -16.15 3.96 -14.61
C VAL C 75 -15.92 2.74 -15.50
N LEU C 76 -15.16 1.78 -14.99
CA LEU C 76 -14.85 0.57 -15.73
C LEU C 76 -16.06 -0.35 -15.89
N THR C 77 -16.85 -0.53 -14.84
CA THR C 77 -18.03 -1.37 -14.92
C THR C 77 -18.90 -0.85 -16.07
N LYS C 78 -19.23 0.43 -16.00
CA LYS C 78 -20.04 1.07 -17.02
C LYS C 78 -19.39 0.91 -18.39
N ARG C 79 -18.09 1.21 -18.47
CA ARG C 79 -17.35 1.10 -19.72
C ARG C 79 -17.35 -0.30 -20.31
N SER C 80 -17.53 -1.31 -19.47
CA SER C 80 -17.53 -2.69 -19.96
C SER C 80 -18.94 -3.17 -20.28
N ASN C 81 -19.91 -2.27 -20.17
CA ASN C 81 -21.31 -2.59 -20.43
C ASN C 81 -21.69 -3.69 -19.44
N SER C 82 -21.29 -3.47 -18.19
CA SER C 82 -21.56 -4.37 -17.08
C SER C 82 -21.14 -5.83 -17.22
N THR C 83 -19.97 -6.08 -17.79
CA THR C 83 -19.50 -7.45 -17.91
C THR C 83 -19.14 -7.89 -16.49
N PRO C 84 -19.86 -8.89 -15.95
CA PRO C 84 -19.57 -9.36 -14.59
C PRO C 84 -18.37 -10.30 -14.54
N ALA C 85 -17.90 -10.59 -13.33
CA ALA C 85 -16.76 -11.47 -13.15
C ALA C 85 -17.15 -12.95 -13.29
N THR C 86 -16.26 -13.72 -13.91
CA THR C 86 -16.49 -15.15 -14.11
C THR C 86 -15.89 -15.96 -12.97
N ASN C 87 -16.73 -16.64 -12.20
CA ASN C 87 -16.26 -17.44 -11.08
C ASN C 87 -15.28 -18.54 -11.45
N GLU C 88 -14.41 -18.88 -10.49
CA GLU C 88 -13.44 -19.94 -10.64
C GLU C 88 -13.66 -20.86 -9.44
N ALA C 89 -13.23 -22.11 -9.56
CA ALA C 89 -13.37 -23.04 -8.45
C ALA C 89 -12.01 -23.02 -7.75
N PRO C 90 -12.00 -22.71 -6.45
CA PRO C 90 -10.72 -22.68 -5.74
C PRO C 90 -10.25 -24.09 -5.37
N GLN C 91 -8.96 -24.22 -5.06
CA GLN C 91 -8.37 -25.50 -4.69
C GLN C 91 -7.66 -25.39 -3.35
N ALA C 92 -7.95 -26.32 -2.44
CA ALA C 92 -7.33 -26.30 -1.13
C ALA C 92 -6.29 -27.40 -0.98
N THR C 93 -5.27 -27.11 -0.16
CA THR C 93 -4.18 -28.03 0.15
C THR C 93 -3.89 -27.83 1.63
N VAL C 94 -3.91 -28.91 2.39
CA VAL C 94 -3.68 -28.86 3.84
C VAL C 94 -2.38 -29.51 4.26
N PHE C 95 -1.61 -28.80 5.09
CA PHE C 95 -0.35 -29.33 5.57
C PHE C 95 0.06 -28.70 6.90
N PRO C 96 0.92 -29.39 7.66
CA PRO C 96 1.38 -28.88 8.97
C PRO C 96 2.58 -27.95 8.83
N LYS C 97 2.67 -26.97 9.71
CA LYS C 97 3.76 -26.00 9.69
C LYS C 97 5.08 -26.68 10.02
N SER C 98 5.07 -27.56 11.01
CA SER C 98 6.28 -28.29 11.41
C SER C 98 5.96 -29.77 11.55
N PRO C 99 6.99 -30.62 11.70
CA PRO C 99 6.72 -32.05 11.83
C PRO C 99 5.73 -32.35 12.96
N VAL C 100 4.76 -33.21 12.68
CA VAL C 100 3.76 -33.55 13.69
C VAL C 100 4.28 -34.51 14.74
N LEU C 101 4.13 -34.13 15.99
CA LEU C 101 4.56 -34.94 17.12
C LEU C 101 3.42 -35.03 18.12
N LEU C 102 3.06 -36.25 18.51
CA LEU C 102 1.97 -36.49 19.45
C LEU C 102 2.00 -35.52 20.63
N GLY C 103 0.89 -34.82 20.84
CA GLY C 103 0.77 -33.89 21.94
C GLY C 103 1.60 -32.61 21.85
N GLN C 104 2.25 -32.41 20.72
CA GLN C 104 3.09 -31.22 20.51
C GLN C 104 2.34 -30.12 19.78
N PRO C 105 2.17 -28.95 20.41
CA PRO C 105 1.46 -27.86 19.76
C PRO C 105 1.96 -27.69 18.32
N ASN C 106 1.04 -27.50 17.38
CA ASN C 106 1.40 -27.35 15.99
C ASN C 106 0.38 -26.45 15.31
N THR C 107 0.50 -26.31 13.99
CA THR C 107 -0.42 -25.48 13.26
C THR C 107 -0.76 -26.12 11.92
N LEU C 108 -2.05 -26.21 11.63
CA LEU C 108 -2.50 -26.77 10.37
C LEU C 108 -2.72 -25.61 9.42
N ILE C 109 -2.15 -25.72 8.23
CA ILE C 109 -2.27 -24.68 7.23
C ILE C 109 -3.11 -25.13 6.05
N CYS C 110 -4.05 -24.28 5.65
CA CYS C 110 -4.89 -24.56 4.51
C CYS C 110 -4.58 -23.48 3.48
N PHE C 111 -3.93 -23.90 2.39
CA PHE C 111 -3.57 -23.02 1.30
C PHE C 111 -4.67 -23.14 0.25
N VAL C 112 -5.28 -22.02 -0.10
CA VAL C 112 -6.33 -22.02 -1.11
C VAL C 112 -5.89 -21.15 -2.27
N ASP C 113 -5.81 -21.74 -3.46
CA ASP C 113 -5.38 -21.03 -4.66
C ASP C 113 -6.52 -20.94 -5.66
N ASN C 114 -6.29 -20.19 -6.74
CA ASN C 114 -7.27 -19.99 -7.79
C ASN C 114 -8.57 -19.40 -7.26
N ILE C 115 -8.45 -18.43 -6.37
CA ILE C 115 -9.64 -17.79 -5.79
C ILE C 115 -10.06 -16.60 -6.65
N PHE C 116 -11.29 -16.62 -7.13
CA PHE C 116 -11.79 -15.53 -7.93
C PHE C 116 -13.28 -15.64 -8.14
N PRO C 117 -14.03 -14.57 -7.81
CA PRO C 117 -13.49 -13.32 -7.26
C PRO C 117 -13.01 -13.49 -5.81
N PRO C 118 -12.25 -12.51 -5.28
CA PRO C 118 -11.73 -12.53 -3.91
C PRO C 118 -12.77 -12.36 -2.80
N VAL C 119 -13.63 -13.36 -2.66
CA VAL C 119 -14.65 -13.39 -1.62
C VAL C 119 -14.73 -14.87 -1.29
N ILE C 120 -14.53 -15.23 -0.02
CA ILE C 120 -14.53 -16.64 0.33
C ILE C 120 -14.66 -16.87 1.82
N ASN C 121 -15.02 -18.10 2.19
CA ASN C 121 -15.12 -18.49 3.59
C ASN C 121 -14.24 -19.72 3.77
N ILE C 122 -13.24 -19.60 4.64
CA ILE C 122 -12.37 -20.72 4.90
C ILE C 122 -12.47 -20.98 6.39
N THR C 123 -13.00 -22.15 6.75
CA THR C 123 -13.15 -22.51 8.14
C THR C 123 -12.60 -23.90 8.35
N TRP C 124 -12.49 -24.31 9.61
CA TRP C 124 -11.97 -25.62 9.93
C TRP C 124 -13.00 -26.50 10.61
N LEU C 125 -12.77 -27.80 10.53
CA LEU C 125 -13.63 -28.80 11.14
C LEU C 125 -12.75 -29.81 11.86
N ARG C 126 -13.10 -30.09 13.11
CA ARG C 126 -12.39 -31.07 13.91
C ARG C 126 -13.45 -32.11 14.26
N ASN C 127 -13.23 -33.35 13.84
CA ASN C 127 -14.20 -34.41 14.10
C ASN C 127 -15.56 -34.00 13.55
N SER C 128 -15.53 -33.35 12.39
CA SER C 128 -16.72 -32.89 11.69
C SER C 128 -17.42 -31.72 12.37
N LYS C 129 -16.80 -31.17 13.42
CA LYS C 129 -17.39 -30.03 14.13
C LYS C 129 -16.55 -28.79 13.83
N SER C 130 -17.22 -27.68 13.55
CA SER C 130 -16.52 -26.43 13.24
C SER C 130 -15.68 -25.93 14.42
N VAL C 131 -14.53 -25.36 14.11
CA VAL C 131 -13.65 -24.81 15.13
C VAL C 131 -13.83 -23.30 15.11
N ALA C 132 -13.87 -22.69 16.28
CA ALA C 132 -14.06 -21.24 16.35
C ALA C 132 -12.90 -20.53 17.01
N ASP C 133 -11.92 -21.29 17.48
CA ASP C 133 -10.77 -20.69 18.15
C ASP C 133 -9.43 -21.06 17.56
N GLY C 134 -8.46 -20.18 17.73
CA GLY C 134 -7.12 -20.42 17.24
C GLY C 134 -7.07 -20.46 15.72
N VAL C 135 -8.00 -19.77 15.08
CA VAL C 135 -8.04 -19.73 13.63
C VAL C 135 -7.71 -18.32 13.16
N TYR C 136 -6.79 -18.23 12.20
CA TYR C 136 -6.40 -16.95 11.65
C TYR C 136 -6.08 -17.12 10.18
N GLU C 137 -6.22 -16.05 9.41
CA GLU C 137 -5.94 -16.14 8.00
C GLU C 137 -5.25 -14.91 7.44
N THR C 138 -4.56 -15.11 6.34
CA THR C 138 -3.87 -14.02 5.68
C THR C 138 -4.90 -13.25 4.88
N SER C 139 -4.42 -12.24 4.15
CA SER C 139 -5.26 -11.45 3.27
C SER C 139 -5.18 -12.19 1.93
N PHE C 140 -5.88 -11.69 0.91
CA PHE C 140 -5.82 -12.30 -0.40
C PHE C 140 -4.52 -11.87 -1.08
N PHE C 141 -3.70 -12.84 -1.50
CA PHE C 141 -2.45 -12.55 -2.19
C PHE C 141 -2.75 -12.55 -3.68
N VAL C 142 -2.01 -11.74 -4.44
CA VAL C 142 -2.20 -11.69 -5.89
C VAL C 142 -1.44 -12.81 -6.61
N ASN C 143 -2.00 -13.29 -7.72
CA ASN C 143 -1.39 -14.32 -8.55
C ASN C 143 -1.14 -13.73 -9.94
N ARG C 144 -0.17 -14.29 -10.68
CA ARG C 144 0.17 -13.80 -12.01
C ARG C 144 -1.04 -13.73 -12.95
N ASP C 145 -2.00 -14.62 -12.76
CA ASP C 145 -3.19 -14.64 -13.62
C ASP C 145 -4.34 -13.81 -13.06
N TYR C 146 -4.01 -12.99 -12.07
CA TYR C 146 -4.95 -12.09 -11.44
C TYR C 146 -6.08 -12.73 -10.65
N SER C 147 -5.89 -14.01 -10.31
CA SER C 147 -6.82 -14.72 -9.44
C SER C 147 -6.09 -14.52 -8.12
N PHE C 148 -6.58 -15.07 -7.01
CA PHE C 148 -5.89 -14.88 -5.74
C PHE C 148 -5.68 -16.18 -4.95
N HIS C 149 -4.86 -16.09 -3.90
CA HIS C 149 -4.67 -17.22 -3.00
C HIS C 149 -4.70 -16.68 -1.57
N LYS C 150 -5.04 -17.54 -0.62
CA LYS C 150 -5.13 -17.15 0.78
C LYS C 150 -4.82 -18.35 1.65
N LEU C 151 -4.32 -18.10 2.85
CA LEU C 151 -4.01 -19.20 3.75
C LEU C 151 -4.66 -19.03 5.11
N SER C 152 -5.19 -20.12 5.65
CA SER C 152 -5.82 -20.11 6.95
C SER C 152 -5.00 -20.99 7.89
N TYR C 153 -4.88 -20.58 9.15
CA TYR C 153 -4.11 -21.30 10.15
C TYR C 153 -4.97 -21.81 11.28
N LEU C 154 -4.67 -23.02 11.75
CA LEU C 154 -5.41 -23.63 12.85
C LEU C 154 -4.45 -24.26 13.84
N THR C 155 -4.39 -23.73 15.06
CA THR C 155 -3.52 -24.27 16.09
C THR C 155 -4.19 -25.54 16.59
N PHE C 156 -3.41 -26.59 16.81
CA PHE C 156 -3.97 -27.86 17.28
C PHE C 156 -2.91 -28.73 17.95
N ILE C 157 -3.36 -29.77 18.63
CA ILE C 157 -2.46 -30.69 19.29
C ILE C 157 -2.62 -32.07 18.65
N PRO C 158 -1.61 -32.52 17.89
CA PRO C 158 -1.66 -33.83 17.23
C PRO C 158 -2.17 -34.92 18.16
N SER C 159 -3.15 -35.69 17.68
CA SER C 159 -3.73 -36.77 18.47
C SER C 159 -4.24 -37.88 17.55
N ASP C 160 -4.07 -39.12 17.98
CA ASP C 160 -4.49 -40.28 17.20
C ASP C 160 -6.00 -40.35 16.94
N ASP C 161 -6.79 -39.65 17.75
CA ASP C 161 -8.24 -39.68 17.58
C ASP C 161 -8.87 -38.36 17.14
N ASP C 162 -8.11 -37.57 16.37
CA ASP C 162 -8.64 -36.30 15.88
C ASP C 162 -8.54 -36.20 14.37
N ILE C 163 -9.65 -35.77 13.78
CA ILE C 163 -9.79 -35.63 12.34
C ILE C 163 -9.95 -34.16 11.98
N TYR C 164 -9.34 -33.74 10.87
CA TYR C 164 -9.44 -32.35 10.46
C TYR C 164 -9.82 -32.13 9.00
N ASP C 165 -10.61 -31.09 8.77
CA ASP C 165 -11.03 -30.73 7.42
C ASP C 165 -10.97 -29.23 7.27
N CYS C 166 -10.50 -28.79 6.10
CA CYS C 166 -10.45 -27.38 5.81
C CYS C 166 -11.65 -27.20 4.91
N LYS C 167 -12.63 -26.41 5.33
CA LYS C 167 -13.80 -26.21 4.49
C LYS C 167 -13.68 -24.91 3.73
N VAL C 168 -13.96 -24.96 2.43
CA VAL C 168 -13.91 -23.78 1.58
C VAL C 168 -15.27 -23.54 0.94
N GLU C 169 -15.82 -22.36 1.18
CA GLU C 169 -17.10 -21.97 0.61
C GLU C 169 -16.85 -20.82 -0.37
N HIS C 170 -17.27 -20.99 -1.61
CA HIS C 170 -17.05 -19.98 -2.65
C HIS C 170 -18.18 -20.07 -3.67
N TRP C 171 -18.45 -18.97 -4.37
CA TRP C 171 -19.51 -18.94 -5.37
C TRP C 171 -19.22 -19.87 -6.56
N GLY C 172 -17.96 -20.17 -6.80
CA GLY C 172 -17.61 -21.05 -7.91
C GLY C 172 -17.75 -22.51 -7.54
N LEU C 173 -18.26 -22.78 -6.34
CA LEU C 173 -18.45 -24.14 -5.86
C LEU C 173 -19.92 -24.34 -5.47
N GLU C 174 -20.53 -25.40 -5.99
CA GLU C 174 -21.93 -25.70 -5.69
C GLU C 174 -22.12 -25.89 -4.19
N GLU C 175 -21.27 -26.73 -3.61
CA GLU C 175 -21.32 -27.02 -2.19
C GLU C 175 -19.95 -26.74 -1.60
N PRO C 176 -19.87 -26.52 -0.27
CA PRO C 176 -18.55 -26.25 0.30
C PRO C 176 -17.67 -27.47 0.07
N VAL C 177 -16.42 -27.24 -0.28
CA VAL C 177 -15.48 -28.34 -0.52
C VAL C 177 -14.67 -28.60 0.74
N LEU C 178 -14.54 -29.88 1.10
CA LEU C 178 -13.77 -30.25 2.28
C LEU C 178 -12.46 -30.94 1.91
N LYS C 179 -11.34 -30.37 2.36
CA LYS C 179 -10.03 -30.96 2.09
C LYS C 179 -9.62 -31.61 3.41
N HIS C 180 -9.66 -32.93 3.43
CA HIS C 180 -9.36 -33.71 4.62
C HIS C 180 -7.88 -33.82 4.98
N TRP C 181 -7.61 -34.11 6.26
CA TRP C 181 -6.26 -34.27 6.76
C TRP C 181 -6.22 -35.07 8.07
N GLU C 182 -5.29 -36.01 8.16
CA GLU C 182 -5.13 -36.83 9.36
C GLU C 182 -3.65 -37.09 9.64
N PRO C 183 -3.26 -37.06 10.92
CA PRO C 183 -1.86 -37.30 11.28
C PRO C 183 -1.40 -38.73 10.99
N ASP D 1 -30.66 -11.00 -11.95
CA ASP D 1 -29.18 -11.04 -12.18
C ASP D 1 -28.44 -10.33 -11.06
N SER D 2 -29.10 -10.15 -9.92
CA SER D 2 -28.49 -9.49 -8.77
C SER D 2 -27.15 -10.15 -8.42
N GLU D 3 -27.02 -11.43 -8.76
CA GLU D 3 -25.79 -12.16 -8.48
C GLU D 3 -24.62 -11.83 -9.40
N ARG D 4 -24.67 -10.67 -10.04
CA ARG D 4 -23.57 -10.27 -10.90
C ARG D 4 -22.58 -9.55 -9.98
N HIS D 5 -21.32 -9.96 -10.04
CA HIS D 5 -20.28 -9.39 -9.21
C HIS D 5 -19.25 -8.66 -10.08
N PHE D 6 -18.82 -7.48 -9.62
CA PHE D 6 -17.86 -6.66 -10.34
C PHE D 6 -16.70 -6.25 -9.43
N VAL D 7 -15.51 -6.10 -10.00
CA VAL D 7 -14.35 -5.71 -9.22
C VAL D 7 -13.20 -5.12 -10.04
N VAL D 8 -12.35 -4.35 -9.37
CA VAL D 8 -11.17 -3.76 -10.01
C VAL D 8 -9.99 -4.18 -9.14
N GLN D 9 -8.80 -4.09 -9.73
CA GLN D 9 -7.58 -4.43 -9.01
C GLN D 9 -6.51 -3.46 -9.44
N PHE D 10 -5.73 -2.99 -8.47
CA PHE D 10 -4.62 -2.11 -8.78
C PHE D 10 -3.42 -2.85 -8.24
N GLN D 11 -2.53 -3.26 -9.13
CA GLN D 11 -1.35 -4.00 -8.71
C GLN D 11 -0.04 -3.32 -9.07
N PRO D 12 0.62 -2.69 -8.10
CA PRO D 12 1.90 -2.01 -8.32
C PRO D 12 3.04 -2.98 -8.06
N PHE D 13 4.11 -2.87 -8.85
CA PHE D 13 5.26 -3.75 -8.70
C PHE D 13 6.57 -3.00 -8.83
N CYS D 14 7.41 -3.15 -7.81
CA CYS D 14 8.74 -2.55 -7.79
C CYS D 14 9.70 -3.74 -7.88
N TYR D 15 10.34 -3.93 -9.02
CA TYR D 15 11.26 -5.04 -9.20
C TYR D 15 12.70 -4.55 -8.95
N PHE D 16 13.33 -5.13 -7.93
CA PHE D 16 14.69 -4.74 -7.56
C PHE D 16 15.74 -5.78 -7.95
N THR D 17 16.86 -5.30 -8.47
CA THR D 17 17.95 -6.19 -8.86
C THR D 17 19.27 -5.59 -8.41
N ASN D 18 20.10 -6.41 -7.79
CA ASN D 18 21.40 -5.96 -7.29
C ASN D 18 21.15 -4.69 -6.48
N GLY D 19 20.48 -4.86 -5.35
CA GLY D 19 20.14 -3.72 -4.50
C GLY D 19 19.14 -2.89 -5.27
N THR D 20 19.39 -1.59 -5.37
CA THR D 20 18.50 -0.71 -6.12
C THR D 20 19.24 -0.21 -7.35
N GLN D 21 20.33 -0.89 -7.69
CA GLN D 21 21.14 -0.51 -8.85
C GLN D 21 20.27 -0.56 -10.09
N ARG D 22 19.29 -1.47 -10.08
CA ARG D 22 18.38 -1.64 -11.19
C ARG D 22 16.95 -1.81 -10.66
N ILE D 23 16.06 -0.94 -11.10
CA ILE D 23 14.68 -1.02 -10.67
C ILE D 23 13.73 -0.94 -11.85
N ARG D 24 12.72 -1.81 -11.83
CA ARG D 24 11.70 -1.78 -12.88
C ARG D 24 10.38 -1.58 -12.16
N TYR D 25 9.71 -0.50 -12.51
CA TYR D 25 8.44 -0.18 -11.87
C TYR D 25 7.30 -0.44 -12.82
N VAL D 26 6.40 -1.31 -12.40
CA VAL D 26 5.24 -1.65 -13.22
C VAL D 26 3.95 -1.47 -12.44
N THR D 27 2.99 -0.84 -13.08
CA THR D 27 1.69 -0.58 -12.48
C THR D 27 0.60 -1.17 -13.38
N ARG D 28 -0.21 -2.06 -12.82
CA ARG D 28 -1.27 -2.71 -13.58
C ARG D 28 -2.69 -2.36 -13.13
N TYR D 29 -3.52 -1.94 -14.08
CA TYR D 29 -4.91 -1.62 -13.79
C TYR D 29 -5.75 -2.78 -14.32
N ILE D 30 -6.55 -3.35 -13.43
CA ILE D 30 -7.35 -4.51 -13.78
C ILE D 30 -8.83 -4.40 -13.47
N TYR D 31 -9.65 -4.88 -14.40
CA TYR D 31 -11.11 -4.89 -14.24
C TYR D 31 -11.43 -6.37 -14.15
N ASN D 32 -12.00 -6.80 -13.02
CA ASN D 32 -12.35 -8.20 -12.84
C ASN D 32 -10.89 -8.57 -13.05
N ARG D 33 -10.66 -9.71 -13.71
CA ARG D 33 -9.31 -10.21 -13.85
C ARG D 33 -8.65 -9.94 -15.20
N GLU D 34 -9.02 -8.82 -15.81
CA GLU D 34 -8.48 -8.40 -17.10
C GLU D 34 -7.63 -7.13 -16.93
N GLU D 35 -6.34 -7.23 -17.22
CA GLU D 35 -5.44 -6.07 -17.14
C GLU D 35 -5.72 -5.27 -18.41
N TYR D 36 -6.21 -4.03 -18.24
CA TYR D 36 -6.56 -3.20 -19.40
C TYR D 36 -5.65 -2.00 -19.63
N LEU D 37 -4.83 -1.67 -18.64
CA LEU D 37 -3.93 -0.53 -18.74
C LEU D 37 -2.70 -0.85 -17.90
N ARG D 38 -1.54 -0.38 -18.34
CA ARG D 38 -0.31 -0.66 -17.62
C ARG D 38 0.77 0.37 -17.82
N PHE D 39 1.47 0.70 -16.74
CA PHE D 39 2.59 1.61 -16.83
C PHE D 39 3.80 0.71 -16.56
N ASP D 40 4.83 0.86 -17.36
CA ASP D 40 6.04 0.06 -17.20
C ASP D 40 7.20 1.04 -17.35
N SER D 41 8.01 1.19 -16.30
CA SER D 41 9.12 2.14 -16.36
C SER D 41 10.06 1.89 -17.55
N ASP D 42 10.22 0.62 -17.93
CA ASP D 42 11.09 0.29 -19.06
C ASP D 42 10.49 0.88 -20.33
N VAL D 43 9.17 0.86 -20.44
CA VAL D 43 8.48 1.43 -21.60
C VAL D 43 8.49 2.96 -21.48
N GLY D 44 8.27 3.45 -20.26
CA GLY D 44 8.29 4.89 -20.03
C GLY D 44 6.97 5.63 -20.04
N GLU D 45 5.88 4.93 -20.33
CA GLU D 45 4.58 5.57 -20.35
C GLU D 45 3.49 4.53 -20.17
N TYR D 46 2.25 5.00 -20.08
CA TYR D 46 1.10 4.12 -19.93
C TYR D 46 0.72 3.60 -21.30
N ARG D 47 0.33 2.33 -21.36
CA ARG D 47 -0.09 1.69 -22.59
C ARG D 47 -1.37 0.89 -22.34
N ALA D 48 -2.32 0.99 -23.26
CA ALA D 48 -3.55 0.22 -23.14
C ALA D 48 -3.14 -1.22 -23.42
N VAL D 49 -3.62 -2.14 -22.59
CA VAL D 49 -3.27 -3.54 -22.77
C VAL D 49 -4.37 -4.21 -23.60
N THR D 50 -5.61 -3.77 -23.38
CA THR D 50 -6.75 -4.29 -24.11
C THR D 50 -7.59 -3.11 -24.58
N GLU D 51 -8.66 -3.42 -25.32
CA GLU D 51 -9.55 -2.39 -25.84
C GLU D 51 -10.10 -1.55 -24.69
N LEU D 52 -10.40 -2.21 -23.58
CA LEU D 52 -10.94 -1.57 -22.38
C LEU D 52 -10.10 -0.39 -21.91
N GLY D 53 -8.79 -0.46 -22.12
CA GLY D 53 -7.93 0.62 -21.67
C GLY D 53 -7.73 1.75 -22.65
N ARG D 54 -8.27 1.59 -23.86
CA ARG D 54 -8.14 2.61 -24.91
C ARG D 54 -8.48 4.02 -24.42
N PRO D 55 -9.64 4.18 -23.74
CA PRO D 55 -10.07 5.48 -23.24
C PRO D 55 -9.17 6.13 -22.18
N ASP D 56 -8.35 5.33 -21.50
CA ASP D 56 -7.49 5.86 -20.45
C ASP D 56 -6.09 6.28 -20.87
N ALA D 57 -5.48 5.47 -21.72
CA ALA D 57 -4.11 5.69 -22.18
C ALA D 57 -3.68 7.15 -22.38
N GLU D 58 -4.42 7.89 -23.21
CA GLU D 58 -4.06 9.27 -23.47
C GLU D 58 -4.16 10.14 -22.22
N TYR D 59 -5.29 10.03 -21.52
CA TYR D 59 -5.53 10.82 -20.31
C TYR D 59 -4.48 10.57 -19.24
N TYR D 60 -4.18 9.29 -19.00
CA TYR D 60 -3.18 8.92 -18.00
C TYR D 60 -1.81 9.47 -18.35
N ASN D 61 -1.41 9.36 -19.62
CA ASN D 61 -0.11 9.86 -20.03
C ASN D 61 -0.02 11.39 -20.00
N LYS D 62 -1.15 12.06 -20.21
CA LYS D 62 -1.17 13.51 -20.21
C LYS D 62 -1.22 14.05 -18.79
N GLN D 63 -1.92 13.34 -17.92
CA GLN D 63 -2.10 13.74 -16.54
C GLN D 63 -1.11 13.23 -15.50
N TYR D 64 -0.78 11.95 -15.57
CA TYR D 64 0.07 11.34 -14.56
C TYR D 64 1.46 10.86 -14.95
N LEU D 65 1.88 11.10 -16.18
CA LEU D 65 3.19 10.64 -16.65
C LEU D 65 4.35 10.89 -15.69
N GLU D 66 4.69 12.15 -15.47
CA GLU D 66 5.81 12.49 -14.59
C GLU D 66 5.67 11.92 -13.18
N ARG D 67 4.50 12.11 -12.58
CA ARG D 67 4.26 11.61 -11.23
C ARG D 67 4.43 10.10 -11.12
N THR D 68 3.98 9.37 -12.14
CA THR D 68 4.11 7.92 -12.10
C THR D 68 5.55 7.48 -12.33
N ARG D 69 6.25 8.15 -13.24
CA ARG D 69 7.65 7.83 -13.51
C ARG D 69 8.48 8.03 -12.25
N ALA D 70 8.19 9.14 -11.56
CA ALA D 70 8.92 9.51 -10.34
C ALA D 70 8.76 8.54 -9.17
N GLU D 71 7.70 7.74 -9.16
CA GLU D 71 7.49 6.79 -8.08
C GLU D 71 8.56 5.70 -8.05
N LEU D 72 9.28 5.53 -9.16
CA LEU D 72 10.35 4.54 -9.17
C LEU D 72 11.30 4.95 -8.06
N ASP D 73 11.38 6.25 -7.84
CA ASP D 73 12.23 6.82 -6.81
C ASP D 73 11.50 7.10 -5.51
N THR D 74 10.38 7.79 -5.59
CA THR D 74 9.62 8.18 -4.40
C THR D 74 8.87 7.06 -3.69
N VAL D 75 8.73 5.92 -4.35
CA VAL D 75 8.05 4.78 -3.75
C VAL D 75 8.96 3.57 -3.71
N CYS D 76 9.41 3.11 -4.87
CA CYS D 76 10.27 1.94 -4.95
C CYS D 76 11.62 2.05 -4.23
N ARG D 77 12.49 2.89 -4.77
CA ARG D 77 13.81 3.06 -4.18
C ARG D 77 13.71 3.55 -2.73
N TYR D 78 12.81 4.49 -2.49
CA TYR D 78 12.61 5.01 -1.15
C TYR D 78 12.19 3.89 -0.17
N ASN D 79 11.21 3.08 -0.54
CA ASN D 79 10.76 2.01 0.34
C ASN D 79 11.82 0.95 0.61
N TYR D 80 12.61 0.65 -0.41
CA TYR D 80 13.66 -0.35 -0.28
C TYR D 80 14.70 0.12 0.73
N GLU D 81 15.26 1.30 0.48
CA GLU D 81 16.30 1.83 1.34
C GLU D 81 15.83 2.22 2.74
N GLU D 82 14.65 2.82 2.84
CA GLU D 82 14.18 3.25 4.15
C GLU D 82 13.37 2.23 4.96
N THR D 83 12.70 1.29 4.31
CA THR D 83 11.90 0.34 5.07
C THR D 83 12.22 -1.16 4.92
N GLU D 84 12.66 -1.58 3.74
CA GLU D 84 12.98 -3.00 3.55
C GLU D 84 14.33 -3.34 4.19
N VAL D 85 15.33 -2.50 3.95
CA VAL D 85 16.67 -2.71 4.50
C VAL D 85 16.65 -3.07 6.00
N PRO D 86 15.85 -2.35 6.80
CA PRO D 86 15.82 -2.66 8.23
C PRO D 86 14.86 -3.77 8.67
N THR D 87 14.07 -4.33 7.75
CA THR D 87 13.14 -5.37 8.14
C THR D 87 13.21 -6.65 7.30
N SER D 88 12.54 -6.64 6.15
CA SER D 88 12.53 -7.79 5.26
C SER D 88 13.91 -8.33 4.92
N LEU D 89 14.78 -7.43 4.45
CA LEU D 89 16.14 -7.79 4.05
C LEU D 89 17.04 -8.09 5.23
N ARG D 90 16.50 -8.00 6.43
CA ARG D 90 17.25 -8.23 7.66
C ARG D 90 16.75 -9.50 8.35
N ARG D 91 15.58 -9.95 7.96
CA ARG D 91 14.99 -11.14 8.56
C ARG D 91 15.80 -12.40 8.34
N LEU D 92 16.12 -13.07 9.43
CA LEU D 92 16.88 -14.31 9.38
C LEU D 92 16.28 -15.27 10.39
N GLU D 93 15.56 -16.27 9.89
CA GLU D 93 14.94 -17.27 10.76
C GLU D 93 15.62 -18.61 10.50
N GLN D 94 16.32 -19.11 11.52
CA GLN D 94 17.04 -20.36 11.40
C GLN D 94 16.12 -21.56 11.25
N PRO D 95 16.48 -22.48 10.36
CA PRO D 95 15.65 -23.66 10.14
C PRO D 95 15.77 -24.69 11.25
N ASN D 96 14.68 -25.42 11.49
CA ASN D 96 14.67 -26.50 12.46
C ASN D 96 14.87 -27.72 11.58
N VAL D 97 15.73 -28.62 12.00
CA VAL D 97 16.05 -29.79 11.21
C VAL D 97 15.90 -31.09 11.99
N VAL D 98 15.10 -32.02 11.47
CA VAL D 98 14.88 -33.33 12.11
C VAL D 98 14.85 -34.42 11.06
N ILE D 99 15.28 -35.61 11.44
CA ILE D 99 15.30 -36.74 10.52
C ILE D 99 14.35 -37.85 10.95
N SER D 100 13.66 -38.44 9.97
CA SER D 100 12.74 -39.53 10.24
C SER D 100 12.96 -40.61 9.17
N LEU D 101 12.71 -41.86 9.56
CA LEU D 101 12.86 -42.99 8.67
C LEU D 101 11.46 -43.36 8.20
N SER D 102 11.25 -43.44 6.88
CA SER D 102 9.96 -43.76 6.31
C SER D 102 9.34 -45.11 6.72
N ARG D 103 10.12 -46.18 6.65
CA ARG D 103 9.62 -47.50 7.00
C ARG D 103 10.33 -48.03 8.25
N THR D 104 9.79 -49.08 8.86
CA THR D 104 10.42 -49.67 10.04
C THR D 104 11.82 -50.10 9.64
N GLU D 105 12.78 -49.84 10.50
CA GLU D 105 14.16 -50.18 10.20
C GLU D 105 14.42 -51.68 10.11
N ALA D 106 14.92 -52.09 8.94
CA ALA D 106 15.27 -53.49 8.69
C ALA D 106 16.69 -53.43 8.16
N LEU D 107 17.63 -53.95 8.94
CA LEU D 107 19.03 -53.94 8.53
C LEU D 107 19.19 -54.56 7.15
N ASN D 108 19.87 -53.83 6.28
CA ASN D 108 20.13 -54.28 4.91
C ASN D 108 18.92 -54.24 3.97
N HIS D 109 17.86 -53.54 4.38
CA HIS D 109 16.67 -53.43 3.54
C HIS D 109 16.48 -51.98 3.10
N HIS D 110 16.07 -51.77 1.85
CA HIS D 110 15.85 -50.43 1.30
C HIS D 110 14.93 -49.60 2.18
N ASN D 111 15.23 -48.31 2.29
CA ASN D 111 14.41 -47.41 3.09
C ASN D 111 14.64 -45.99 2.63
N THR D 112 13.98 -45.04 3.27
CA THR D 112 14.10 -43.63 2.92
C THR D 112 14.24 -42.75 4.16
N LEU D 113 15.25 -41.89 4.16
CA LEU D 113 15.45 -40.96 5.27
C LEU D 113 14.86 -39.64 4.82
N VAL D 114 14.07 -39.03 5.68
CA VAL D 114 13.45 -37.76 5.37
C VAL D 114 13.97 -36.70 6.31
N CYS D 115 14.55 -35.66 5.75
CA CYS D 115 15.05 -34.56 6.54
C CYS D 115 14.07 -33.41 6.39
N SER D 116 13.36 -33.09 7.47
CA SER D 116 12.40 -31.98 7.43
C SER D 116 13.11 -30.71 7.87
N VAL D 117 13.14 -29.72 6.98
CA VAL D 117 13.79 -28.44 7.24
C VAL D 117 12.67 -27.41 7.24
N THR D 118 12.35 -26.89 8.42
CA THR D 118 11.22 -25.99 8.55
C THR D 118 11.45 -24.64 9.23
N ASP D 119 10.49 -23.76 9.05
CA ASP D 119 10.46 -22.43 9.64
C ASP D 119 11.65 -21.51 9.38
N PHE D 120 12.16 -21.51 8.15
CA PHE D 120 13.30 -20.66 7.85
C PHE D 120 12.95 -19.50 6.94
N TYR D 121 13.81 -18.50 6.92
CA TYR D 121 13.63 -17.32 6.09
C TYR D 121 15.00 -16.65 6.03
N PRO D 122 15.42 -16.17 4.85
CA PRO D 122 14.71 -16.20 3.56
C PRO D 122 14.58 -17.60 2.96
N ALA D 123 14.07 -17.65 1.74
CA ALA D 123 13.82 -18.90 1.02
C ALA D 123 15.05 -19.67 0.48
N LYS D 124 16.13 -18.96 0.20
CA LYS D 124 17.34 -19.61 -0.32
C LYS D 124 18.01 -20.49 0.73
N ILE D 125 18.17 -21.77 0.40
CA ILE D 125 18.77 -22.72 1.32
C ILE D 125 19.37 -23.91 0.59
N LYS D 126 20.26 -24.64 1.26
CA LYS D 126 20.88 -25.81 0.65
C LYS D 126 20.94 -26.97 1.64
N VAL D 127 20.37 -28.10 1.25
CA VAL D 127 20.37 -29.28 2.10
C VAL D 127 21.14 -30.41 1.42
N ARG D 128 22.08 -31.01 2.15
CA ARG D 128 22.89 -32.11 1.62
C ARG D 128 22.81 -33.34 2.53
N TRP D 129 22.93 -34.52 1.93
CA TRP D 129 22.91 -35.77 2.66
C TRP D 129 24.31 -36.40 2.65
N PHE D 130 24.69 -37.01 3.77
CA PHE D 130 26.00 -37.65 3.89
C PHE D 130 25.85 -39.05 4.48
N ARG D 131 26.66 -39.99 4.00
CA ARG D 131 26.65 -41.34 4.51
C ARG D 131 28.08 -41.59 4.96
N ASN D 132 28.24 -41.80 6.26
CA ASN D 132 29.56 -42.00 6.84
C ASN D 132 30.50 -40.88 6.40
N GLY D 133 30.06 -39.63 6.62
CA GLY D 133 30.86 -38.48 6.28
C GLY D 133 31.11 -38.24 4.80
N GLN D 134 30.40 -38.95 3.94
CA GLN D 134 30.58 -38.79 2.50
C GLN D 134 29.25 -38.36 1.88
N GLU D 135 29.27 -37.28 1.10
CA GLU D 135 28.04 -36.79 0.50
C GLU D 135 27.40 -37.76 -0.46
N GLU D 136 26.07 -37.87 -0.35
CA GLU D 136 25.28 -38.73 -1.20
C GLU D 136 24.72 -37.84 -2.30
N THR D 137 24.80 -38.31 -3.54
CA THR D 137 24.30 -37.53 -4.66
C THR D 137 23.18 -38.30 -5.35
N VAL D 138 23.25 -39.62 -5.32
CA VAL D 138 22.22 -40.43 -5.94
C VAL D 138 21.15 -40.81 -4.91
N GLY D 139 19.89 -40.82 -5.34
CA GLY D 139 18.83 -41.17 -4.42
C GLY D 139 18.32 -40.01 -3.58
N VAL D 140 18.77 -38.81 -3.92
CA VAL D 140 18.36 -37.61 -3.20
C VAL D 140 17.30 -36.87 -4.01
N SER D 141 16.24 -36.46 -3.34
CA SER D 141 15.17 -35.73 -3.99
C SER D 141 14.53 -34.85 -2.92
N SER D 142 13.70 -33.91 -3.34
CA SER D 142 13.06 -33.03 -2.39
C SER D 142 11.70 -32.56 -2.85
N THR D 143 10.90 -32.14 -1.88
CA THR D 143 9.56 -31.63 -2.16
C THR D 143 9.77 -30.21 -2.66
N GLN D 144 8.67 -29.54 -3.01
CA GLN D 144 8.77 -28.17 -3.47
C GLN D 144 8.94 -27.29 -2.25
N LEU D 145 9.64 -26.17 -2.42
CA LEU D 145 9.85 -25.23 -1.33
C LEU D 145 8.45 -24.71 -1.00
N ILE D 146 8.05 -24.79 0.26
CA ILE D 146 6.74 -24.32 0.64
C ILE D 146 6.76 -22.97 1.35
N ARG D 147 5.91 -22.06 0.88
CA ARG D 147 5.79 -20.73 1.49
C ARG D 147 4.66 -20.88 2.51
N ASN D 148 5.00 -20.86 3.79
CA ASN D 148 4.01 -21.03 4.85
C ASN D 148 2.98 -19.92 4.97
N GLY D 149 3.35 -18.71 4.55
CA GLY D 149 2.45 -17.59 4.62
C GLY D 149 2.71 -16.65 5.80
N ASP D 150 3.59 -17.08 6.70
CA ASP D 150 3.93 -16.29 7.87
C ASP D 150 5.39 -15.84 7.82
N TRP D 151 5.91 -15.67 6.61
CA TRP D 151 7.29 -15.27 6.41
C TRP D 151 8.29 -16.35 6.81
N THR D 152 7.93 -17.60 6.53
CA THR D 152 8.81 -18.74 6.80
C THR D 152 8.53 -19.74 5.69
N PHE D 153 9.50 -20.61 5.43
CA PHE D 153 9.35 -21.63 4.40
C PHE D 153 9.68 -22.98 5.01
N GLN D 154 9.46 -24.03 4.24
CA GLN D 154 9.80 -25.38 4.66
C GLN D 154 10.04 -26.24 3.43
N VAL D 155 10.79 -27.32 3.63
CA VAL D 155 11.10 -28.25 2.55
C VAL D 155 11.48 -29.60 3.13
N LEU D 156 11.14 -30.66 2.40
CA LEU D 156 11.47 -32.01 2.82
C LEU D 156 12.47 -32.55 1.81
N VAL D 157 13.57 -33.11 2.31
CA VAL D 157 14.61 -33.66 1.45
C VAL D 157 14.81 -35.13 1.78
N MET D 158 14.57 -36.01 0.78
CA MET D 158 14.66 -37.45 0.98
C MET D 158 15.92 -38.14 0.45
N LEU D 159 16.33 -39.20 1.14
CA LEU D 159 17.49 -39.98 0.74
C LEU D 159 17.14 -41.46 0.73
N GLU D 160 17.13 -42.06 -0.46
CA GLU D 160 16.86 -43.50 -0.56
C GLU D 160 18.14 -44.16 -0.08
N MET D 161 18.01 -45.06 0.88
CA MET D 161 19.18 -45.72 1.43
C MET D 161 18.95 -47.16 1.89
N THR D 162 20.00 -47.74 2.45
CA THR D 162 19.96 -49.09 2.98
C THR D 162 20.77 -49.06 4.26
N PRO D 163 20.10 -49.11 5.41
CA PRO D 163 20.82 -49.09 6.68
C PRO D 163 21.73 -50.32 6.90
N ARG D 164 23.00 -50.06 7.21
CA ARG D 164 23.96 -51.13 7.48
C ARG D 164 24.63 -50.87 8.82
N ARG D 165 25.22 -51.91 9.39
CA ARG D 165 25.87 -51.83 10.70
C ARG D 165 26.85 -50.67 10.86
N GLY D 166 26.64 -49.89 11.94
CA GLY D 166 27.51 -48.78 12.24
C GLY D 166 27.42 -47.51 11.41
N GLU D 167 26.56 -47.49 10.38
CA GLU D 167 26.44 -46.31 9.54
C GLU D 167 25.85 -45.09 10.25
N VAL D 168 26.32 -43.92 9.84
CA VAL D 168 25.83 -42.66 10.37
C VAL D 168 25.43 -41.79 9.18
N TYR D 169 24.17 -41.42 9.11
CA TYR D 169 23.70 -40.57 8.03
C TYR D 169 23.53 -39.17 8.59
N THR D 170 23.95 -38.17 7.81
CA THR D 170 23.87 -36.79 8.26
C THR D 170 23.11 -35.87 7.32
N CYS D 171 22.14 -35.14 7.87
CA CYS D 171 21.41 -34.17 7.07
C CYS D 171 22.18 -32.87 7.35
N HIS D 172 22.60 -32.22 6.28
CA HIS D 172 23.42 -31.01 6.35
C HIS D 172 22.64 -29.82 5.81
N VAL D 173 22.57 -28.73 6.57
CA VAL D 173 21.82 -27.55 6.13
C VAL D 173 22.59 -26.23 6.18
N GLU D 174 22.66 -25.55 5.03
CA GLU D 174 23.33 -24.25 4.94
C GLU D 174 22.26 -23.20 4.68
N HIS D 175 22.38 -22.08 5.39
CA HIS D 175 21.40 -21.01 5.27
C HIS D 175 22.02 -19.73 5.81
N PRO D 176 21.64 -18.57 5.23
CA PRO D 176 22.18 -17.27 5.67
C PRO D 176 22.02 -17.01 7.16
N SER D 177 21.03 -17.63 7.78
CA SER D 177 20.78 -17.43 9.20
C SER D 177 21.73 -18.19 10.10
N LEU D 178 22.47 -19.14 9.53
CA LEU D 178 23.40 -19.96 10.31
C LEU D 178 24.87 -19.56 10.15
N LYS D 179 25.53 -19.30 11.27
CA LYS D 179 26.95 -18.93 11.22
C LYS D 179 27.72 -20.16 10.76
N SER D 180 27.16 -21.33 11.04
CA SER D 180 27.78 -22.59 10.67
C SER D 180 26.66 -23.54 10.25
N PRO D 181 26.98 -24.52 9.40
CA PRO D 181 25.96 -25.48 8.93
C PRO D 181 25.38 -26.35 10.04
N ILE D 182 24.07 -26.58 9.97
CA ILE D 182 23.41 -27.43 10.94
C ILE D 182 23.55 -28.86 10.46
N THR D 183 23.95 -29.77 11.36
CA THR D 183 24.08 -31.17 10.99
C THR D 183 23.34 -32.02 12.00
N VAL D 184 22.43 -32.85 11.49
CA VAL D 184 21.65 -33.75 12.33
C VAL D 184 22.01 -35.16 11.89
N GLU D 185 22.21 -36.04 12.88
CA GLU D 185 22.59 -37.41 12.61
C GLU D 185 21.51 -38.45 12.83
N TRP D 186 21.54 -39.48 11.99
CA TRP D 186 20.63 -40.60 12.11
C TRP D 186 21.56 -41.81 12.08
N ARG D 187 21.51 -42.64 13.12
CA ARG D 187 22.36 -43.81 13.20
C ARG D 187 21.58 -45.10 13.04
N ALA D 188 22.13 -46.01 12.22
CA ALA D 188 21.51 -47.31 12.02
C ALA D 188 21.77 -48.07 13.31
N GLN D 189 20.72 -48.49 14.00
CA GLN D 189 20.90 -49.21 15.26
C GLN D 189 21.43 -50.61 14.99
N ARG E 3 8.46 6.07 7.63
CA ARG E 3 7.10 5.96 7.12
C ARG E 3 7.17 5.54 5.66
N GLY E 4 6.34 4.57 5.29
CA GLY E 4 6.36 4.08 3.92
C GLY E 4 5.55 4.85 2.90
N GLY E 5 5.98 4.79 1.65
CA GLY E 5 5.26 5.44 0.58
C GLY E 5 4.43 4.40 -0.13
N ALA E 6 3.44 4.83 -0.90
CA ALA E 6 2.60 3.89 -1.62
C ALA E 6 2.37 4.31 -3.06
N SER E 7 2.35 3.33 -3.95
CA SER E 7 2.08 3.62 -5.36
C SER E 7 0.64 4.11 -5.40
N GLN E 8 0.43 5.21 -6.10
CA GLN E 8 -0.89 5.79 -6.22
C GLN E 8 -1.75 5.23 -7.33
N TYR E 9 -2.93 4.73 -6.94
CA TYR E 9 -3.90 4.19 -7.87
C TYR E 9 -4.44 5.47 -8.53
N ARG E 10 -4.20 5.64 -9.84
CA ARG E 10 -4.66 6.85 -10.51
C ARG E 10 -6.11 6.75 -11.00
N PRO E 11 -6.91 7.80 -10.78
CA PRO E 11 -8.32 7.83 -11.19
C PRO E 11 -8.48 8.03 -12.69
N SER E 12 -9.49 7.40 -13.28
CA SER E 12 -9.72 7.56 -14.70
C SER E 12 -10.80 8.61 -14.97
N GLN E 13 -11.20 8.72 -16.23
CA GLN E 13 -12.22 9.67 -16.67
C GLN E 13 -11.69 11.09 -16.66
#